data_2H6Q
#
_entry.id   2H6Q
#
_cell.length_a   134.257
_cell.length_b   46.336
_cell.length_c   111.405
_cell.angle_alpha   90.00
_cell.angle_beta   116.72
_cell.angle_gamma   90.00
#
_symmetry.space_group_name_H-M   'C 1 2 1'
#
loop_
_entity.id
_entity.type
_entity.pdbx_description
1 polymer 'WD-repeat protein 5'
2 polymer 'Histone H3 K4-Me3 9-residue peptide'
3 water water
#
loop_
_entity_poly.entity_id
_entity_poly.type
_entity_poly.pdbx_seq_one_letter_code
_entity_poly.pdbx_strand_id
1 'polypeptide(L)'
;ATQSKPTPVKPNYALKFTLAGHTKAVSSVKFSPNGEWLASSSADKLIKIWGAYDGKFEKTISGHKLGISDVAWSSDSNLL
VSASDDKTLKIWDVSSGKCLKTLKGHSNYVFCCNFNPQSNLIVSGSFDESVRIWDVKTGKCLKTLPAHSDPVSAVHFNRD
GSLIVSSSYDGLCRIWDTASGQCLKTLIDDDNPPVSFVKFSPNGKYILAATLDNTLKLWDYSKGKCLKTYTGHKNEKYCI
FANFSVTGGKWIVSGSEDNLVYIWNLQTKEIVQKLQGHTDVVISTACHPTENIIASAALENDKTIKLWKSDC
;
A,B
2 'polypeptide(L)' ART(M3L)QTARK C,D
#
# COMPACT_ATOMS: atom_id res chain seq x y z
N VAL A 9 3.91 -20.57 16.59
CA VAL A 9 5.30 -20.91 17.06
C VAL A 9 6.43 -20.40 16.17
N LYS A 10 6.21 -20.33 14.86
CA LYS A 10 7.22 -19.73 13.98
C LYS A 10 6.52 -19.11 12.79
N PRO A 11 7.00 -17.93 12.34
CA PRO A 11 6.35 -17.31 11.19
C PRO A 11 6.82 -17.99 9.91
N ASN A 12 6.23 -17.62 8.78
CA ASN A 12 6.64 -18.19 7.50
C ASN A 12 6.73 -17.11 6.43
N TYR A 13 7.47 -16.04 6.74
CA TYR A 13 7.70 -14.95 5.79
C TYR A 13 8.27 -15.46 4.48
N ALA A 14 7.67 -15.02 3.39
CA ALA A 14 8.07 -15.38 2.04
C ALA A 14 8.21 -14.09 1.25
N LEU A 15 9.21 -14.03 0.37
CA LEU A 15 9.45 -12.84 -0.46
C LEU A 15 8.30 -12.57 -1.42
N LYS A 16 7.81 -11.33 -1.43
CA LYS A 16 6.74 -10.95 -2.37
C LYS A 16 7.22 -10.02 -3.46
N PHE A 17 8.09 -9.06 -3.11
CA PHE A 17 8.56 -8.04 -4.06
C PHE A 17 9.98 -7.64 -3.75
N THR A 18 10.71 -7.26 -4.80
CA THR A 18 12.02 -6.63 -4.65
C THR A 18 11.90 -5.31 -5.39
N LEU A 19 12.18 -4.23 -4.67
CA LEU A 19 11.95 -2.87 -5.15
C LEU A 19 13.29 -2.21 -5.47
N ALA A 20 13.52 -1.89 -6.75
CA ALA A 20 14.78 -1.30 -7.19
C ALA A 20 14.50 0.12 -7.64
N GLY A 21 15.50 0.99 -7.50
CA GLY A 21 15.34 2.38 -7.89
C GLY A 21 16.42 3.28 -7.32
N HIS A 22 16.81 3.04 -6.07
CA HIS A 22 17.87 3.86 -5.46
C HIS A 22 19.20 3.59 -6.18
N THR A 23 20.02 4.62 -6.29
CA THR A 23 21.27 4.51 -7.04
C THR A 23 22.49 4.40 -6.13
N LYS A 24 22.27 4.42 -4.81
CA LYS A 24 23.31 4.06 -3.83
C LYS A 24 22.68 3.21 -2.76
N ALA A 25 23.48 2.80 -1.78
CA ALA A 25 22.99 2.06 -0.63
C ALA A 25 21.70 2.68 -0.06
N VAL A 26 20.73 1.83 0.28
CA VAL A 26 19.54 2.28 1.02
C VAL A 26 19.93 2.39 2.52
N SER A 27 19.35 3.37 3.24
CA SER A 27 19.71 3.59 4.64
C SER A 27 18.59 3.26 5.64
N SER A 28 17.32 3.42 5.25
CA SER A 28 16.20 3.17 6.16
C SER A 28 14.91 3.01 5.41
N VAL A 29 14.06 2.11 5.87
CA VAL A 29 12.69 1.98 5.33
C VAL A 29 11.69 2.06 6.48
N LYS A 30 10.54 2.69 6.22
CA LYS A 30 9.48 2.88 7.26
C LYS A 30 8.10 2.81 6.60
N PHE A 31 7.21 2.02 7.17
CA PHE A 31 5.81 2.00 6.73
C PHE A 31 5.05 3.18 7.29
N SER A 32 4.15 3.73 6.48
CA SER A 32 3.24 4.77 6.94
C SER A 32 2.35 4.17 8.02
N PRO A 33 2.00 4.98 9.03
CA PRO A 33 1.11 4.55 10.10
C PRO A 33 -0.24 4.04 9.56
N ASN A 34 -0.75 4.58 8.45
CA ASN A 34 -1.99 4.09 7.84
C ASN A 34 -1.81 2.79 7.04
N GLY A 35 -0.55 2.36 6.88
CA GLY A 35 -0.21 1.06 6.29
C GLY A 35 -0.23 1.05 4.74
N GLU A 36 -0.48 2.18 4.10
CA GLU A 36 -0.60 2.20 2.65
C GLU A 36 0.74 2.26 1.94
N TRP A 37 1.72 2.85 2.62
CA TRP A 37 3.01 3.20 1.97
C TRP A 37 4.21 2.70 2.71
N LEU A 38 5.30 2.53 1.96
CA LEU A 38 6.64 2.42 2.50
C LEU A 38 7.44 3.60 2.00
N ALA A 39 8.18 4.25 2.89
CA ALA A 39 9.13 5.30 2.52
C ALA A 39 10.54 4.73 2.70
N SER A 40 11.45 5.09 1.80
CA SER A 40 12.83 4.64 1.89
C SER A 40 13.74 5.82 1.73
N SER A 41 14.85 5.82 2.46
CA SER A 41 15.88 6.84 2.23
C SER A 41 17.18 6.18 1.77
N SER A 42 18.04 6.97 1.14
CA SER A 42 19.28 6.43 0.60
C SER A 42 20.46 7.40 0.65
N ALA A 43 21.66 6.86 0.57
CA ALA A 43 22.86 7.67 0.36
C ALA A 43 22.78 8.42 -0.96
N ASP A 44 21.84 8.03 -1.83
CA ASP A 44 21.66 8.74 -3.12
C ASP A 44 20.94 10.10 -3.02
N LYS A 45 20.64 10.53 -1.78
CA LYS A 45 20.06 11.84 -1.46
C LYS A 45 18.53 11.92 -1.65
N LEU A 46 17.90 10.78 -1.90
CA LEU A 46 16.50 10.71 -2.29
C LEU A 46 15.69 9.96 -1.28
N ILE A 47 14.42 10.33 -1.16
CA ILE A 47 13.39 9.57 -0.50
C ILE A 47 12.51 8.99 -1.62
N LYS A 48 12.10 7.74 -1.50
CA LYS A 48 11.16 7.18 -2.46
C LYS A 48 9.99 6.59 -1.70
N ILE A 49 8.81 6.62 -2.33
CA ILE A 49 7.58 6.12 -1.71
C ILE A 49 7.09 4.98 -2.57
N TRP A 50 6.70 3.88 -1.91
CA TRP A 50 6.28 2.67 -2.59
C TRP A 50 4.97 2.22 -2.01
N GLY A 51 4.15 1.55 -2.82
CA GLY A 51 2.92 0.95 -2.30
C GLY A 51 3.25 -0.26 -1.45
N ALA A 52 2.69 -0.31 -0.24
CA ALA A 52 3.02 -1.37 0.73
C ALA A 52 2.55 -2.76 0.32
N TYR A 53 1.48 -2.81 -0.49
CA TYR A 53 0.80 -4.07 -0.80
C TYR A 53 1.12 -4.64 -2.19
N ASP A 54 1.37 -3.77 -3.16
CA ASP A 54 1.80 -4.22 -4.49
C ASP A 54 3.25 -3.89 -4.85
N GLY A 55 3.97 -3.25 -3.92
CA GLY A 55 5.34 -2.82 -4.12
C GLY A 55 5.55 -1.81 -5.25
N LYS A 56 4.47 -1.20 -5.73
CA LYS A 56 4.56 -0.30 -6.88
C LYS A 56 5.20 1.03 -6.50
N PHE A 57 6.22 1.45 -7.25
CA PHE A 57 6.84 2.75 -7.02
C PHE A 57 5.80 3.86 -7.20
N GLU A 58 5.83 4.83 -6.28
CA GLU A 58 4.88 5.92 -6.27
C GLU A 58 5.51 7.25 -6.67
N LYS A 59 6.56 7.70 -5.97
CA LYS A 59 7.21 8.97 -6.30
C LYS A 59 8.58 9.08 -5.65
N THR A 60 9.39 9.99 -6.16
CA THR A 60 10.69 10.36 -5.58
C THR A 60 10.58 11.76 -4.97
N ILE A 61 11.12 11.91 -3.78
CA ILE A 61 11.16 13.21 -3.11
C ILE A 61 12.62 13.66 -3.01
N SER A 62 12.91 14.84 -3.56
CA SER A 62 14.31 15.29 -3.63
C SER A 62 14.48 16.69 -3.07
N GLY A 63 15.71 17.01 -2.65
CA GLY A 63 16.02 18.36 -2.16
C GLY A 63 17.23 18.42 -1.25
N HIS A 64 17.52 17.32 -0.53
CA HIS A 64 18.74 17.29 0.28
C HIS A 64 19.99 17.39 -0.60
N LYS A 65 21.06 17.97 -0.08
CA LYS A 65 22.30 18.16 -0.85
C LYS A 65 23.28 17.01 -0.74
N LEU A 66 23.05 16.14 0.24
CA LEU A 66 23.90 15.00 0.51
C LEU A 66 23.03 13.84 0.98
N GLY A 67 23.65 12.70 1.23
CA GLY A 67 22.89 11.49 1.53
C GLY A 67 22.02 11.62 2.77
N ILE A 68 21.03 10.74 2.85
CA ILE A 68 20.04 10.71 3.95
C ILE A 68 20.24 9.41 4.71
N SER A 69 20.32 9.50 6.04
CA SER A 69 20.49 8.32 6.90
C SER A 69 19.19 7.81 7.52
N ASP A 70 18.14 8.63 7.54
CA ASP A 70 16.88 8.22 8.19
C ASP A 70 15.69 9.00 7.64
N VAL A 71 14.50 8.43 7.83
CA VAL A 71 13.23 9.04 7.42
C VAL A 71 12.15 8.57 8.39
N ALA A 72 11.16 9.40 8.66
CA ALA A 72 10.12 9.02 9.65
C ALA A 72 8.82 9.69 9.26
N TRP A 73 7.70 9.03 9.58
CA TRP A 73 6.36 9.52 9.18
C TRP A 73 5.64 10.22 10.34
N SER A 74 4.85 11.24 10.05
CA SER A 74 3.93 11.79 11.08
C SER A 74 2.77 10.81 11.30
N SER A 75 2.10 10.93 12.44
CA SER A 75 1.03 9.99 12.78
C SER A 75 -0.15 9.99 11.82
N ASP A 76 -0.40 11.13 11.15
CA ASP A 76 -1.45 11.22 10.14
C ASP A 76 -1.04 10.78 8.72
N SER A 77 0.18 10.25 8.59
CA SER A 77 0.75 9.80 7.32
C SER A 77 0.91 10.95 6.30
N ASN A 78 0.69 12.20 6.75
CA ASN A 78 0.75 13.35 5.84
C ASN A 78 2.11 14.01 5.71
N LEU A 79 3.02 13.75 6.65
CA LEU A 79 4.35 14.38 6.59
C LEU A 79 5.46 13.34 6.69
N LEU A 80 6.61 13.67 6.13
CA LEU A 80 7.83 12.91 6.37
C LEU A 80 8.89 13.83 6.92
N VAL A 81 9.76 13.31 7.79
CA VAL A 81 10.98 14.05 8.12
C VAL A 81 12.18 13.19 7.72
N SER A 82 13.23 13.82 7.20
CA SER A 82 14.44 13.11 6.80
C SER A 82 15.67 13.73 7.46
N ALA A 83 16.66 12.89 7.76
CA ALA A 83 17.91 13.28 8.43
C ALA A 83 19.10 13.10 7.46
N SER A 84 19.82 14.19 7.17
CA SER A 84 20.85 14.13 6.11
C SER A 84 22.27 14.51 6.56
N ASP A 85 23.23 14.00 5.77
CA ASP A 85 24.64 14.39 5.88
C ASP A 85 24.89 15.88 5.67
N ASP A 86 23.93 16.57 5.05
CA ASP A 86 24.03 18.01 4.77
C ASP A 86 23.74 18.85 6.03
N LYS A 87 23.67 18.16 7.18
CA LYS A 87 23.53 18.77 8.52
C LYS A 87 22.14 19.29 8.86
N THR A 88 21.18 18.99 7.97
CA THR A 88 19.79 19.40 8.17
C THR A 88 18.82 18.25 8.21
N LEU A 89 17.65 18.52 8.81
CA LEU A 89 16.48 17.72 8.54
C LEU A 89 15.54 18.50 7.65
N LYS A 90 14.73 17.78 6.88
CA LYS A 90 13.70 18.44 6.09
C LYS A 90 12.36 17.79 6.40
N ILE A 91 11.32 18.62 6.52
CA ILE A 91 9.94 18.14 6.68
C ILE A 91 9.26 18.24 5.31
N TRP A 92 8.64 17.15 4.88
CA TRP A 92 8.07 17.08 3.53
C TRP A 92 6.56 16.87 3.58
N ASP A 93 5.87 17.53 2.67
CA ASP A 93 4.45 17.24 2.39
C ASP A 93 4.44 16.03 1.46
N VAL A 94 3.99 14.89 1.97
CA VAL A 94 3.95 13.62 1.24
C VAL A 94 3.16 13.77 -0.08
N SER A 95 2.02 14.44 0.00
CA SER A 95 1.09 14.56 -1.11
C SER A 95 1.71 15.31 -2.30
N SER A 96 2.36 16.44 -2.01
CA SER A 96 2.96 17.29 -3.04
C SER A 96 4.44 17.00 -3.29
N GLY A 97 5.09 16.34 -2.33
CA GLY A 97 6.54 16.10 -2.38
C GLY A 97 7.37 17.33 -2.04
N LYS A 98 6.69 18.41 -1.67
CA LYS A 98 7.37 19.68 -1.41
C LYS A 98 8.01 19.69 -0.03
N CYS A 99 9.18 20.32 0.03
CA CYS A 99 9.82 20.61 1.29
C CYS A 99 9.06 21.75 1.97
N LEU A 100 8.51 21.45 3.14
CA LEU A 100 7.80 22.44 3.96
C LEU A 100 8.77 23.29 4.77
N LYS A 101 9.77 22.65 5.38
CA LYS A 101 10.71 23.34 6.28
C LYS A 101 12.05 22.61 6.26
N THR A 102 13.12 23.37 6.47
CA THR A 102 14.47 22.81 6.64
C THR A 102 14.95 23.19 8.05
N LEU A 103 15.33 22.19 8.82
CA LEU A 103 15.64 22.37 10.23
C LEU A 103 17.14 22.45 10.35
N LYS A 104 17.62 23.61 10.78
CA LYS A 104 19.06 23.87 10.78
C LYS A 104 19.52 24.15 12.19
N GLY A 105 20.72 23.69 12.51
CA GLY A 105 21.26 23.80 13.85
C GLY A 105 22.34 22.78 14.18
N HIS A 106 22.18 21.54 13.74
CA HIS A 106 23.23 20.52 13.95
C HIS A 106 24.53 20.94 13.24
N SER A 107 25.66 20.59 13.82
CA SER A 107 26.96 20.99 13.22
C SER A 107 27.68 19.84 12.48
N ASN A 108 27.01 18.69 12.36
CA ASN A 108 27.54 17.54 11.65
C ASN A 108 26.38 16.68 11.15
N TYR A 109 26.68 15.51 10.56
CA TYR A 109 25.63 14.70 9.92
C TYR A 109 24.47 14.48 10.88
N VAL A 110 23.24 14.64 10.39
CA VAL A 110 22.07 14.22 11.14
C VAL A 110 21.81 12.76 10.78
N PHE A 111 21.74 11.89 11.80
CA PHE A 111 21.77 10.45 11.57
C PHE A 111 20.43 9.75 11.76
N CYS A 112 19.56 10.34 12.59
CA CYS A 112 18.33 9.64 13.02
C CYS A 112 17.28 10.68 13.39
N CYS A 113 16.01 10.34 13.20
CA CYS A 113 14.93 11.29 13.43
C CYS A 113 13.62 10.55 13.70
N ASN A 114 12.70 11.22 14.38
CA ASN A 114 11.38 10.64 14.63
C ASN A 114 10.43 11.73 15.04
N PHE A 115 9.14 11.56 14.74
CA PHE A 115 8.08 12.46 15.18
C PHE A 115 7.60 11.88 16.51
N ASN A 116 7.05 12.73 17.37
CA ASN A 116 6.26 12.21 18.50
C ASN A 116 4.87 11.78 18.04
N PRO A 117 4.16 10.95 18.85
CA PRO A 117 2.78 10.54 18.51
C PRO A 117 1.81 11.68 18.16
N GLN A 118 1.90 12.79 18.91
CA GLN A 118 1.13 14.03 18.64
C GLN A 118 1.53 14.71 17.32
N SER A 119 2.74 14.35 16.85
CA SER A 119 3.35 14.88 15.64
C SER A 119 3.51 16.40 15.60
N ASN A 120 3.70 16.98 16.78
CA ASN A 120 4.03 18.38 16.87
C ASN A 120 5.50 18.64 17.19
N LEU A 121 6.24 17.57 17.49
CA LEU A 121 7.69 17.64 17.71
C LEU A 121 8.44 16.64 16.84
N ILE A 122 9.70 16.96 16.52
CA ILE A 122 10.61 16.00 15.91
C ILE A 122 11.82 15.92 16.84
N VAL A 123 12.36 14.72 17.03
CA VAL A 123 13.63 14.55 17.73
C VAL A 123 14.67 14.09 16.70
N SER A 124 15.91 14.56 16.84
CA SER A 124 16.96 14.21 15.88
C SER A 124 18.23 13.88 16.66
N GLY A 125 19.06 12.99 16.11
CA GLY A 125 20.38 12.73 16.69
C GLY A 125 21.44 12.94 15.64
N SER A 126 22.62 13.36 16.06
CA SER A 126 23.65 13.74 15.09
C SER A 126 25.06 13.27 15.48
N PHE A 127 25.94 13.25 14.48
CA PHE A 127 27.35 12.99 14.69
C PHE A 127 27.97 14.10 15.54
N ASP A 128 27.23 15.20 15.71
CA ASP A 128 27.70 16.30 16.59
C ASP A 128 27.48 16.00 18.07
N GLU A 129 26.98 14.82 18.37
CA GLU A 129 26.91 14.28 19.75
C GLU A 129 25.71 14.81 20.51
N SER A 130 24.84 15.58 19.83
CA SER A 130 23.67 16.15 20.49
C SER A 130 22.39 15.48 20.00
N VAL A 131 21.37 15.62 20.82
CA VAL A 131 19.99 15.32 20.47
C VAL A 131 19.28 16.68 20.43
N ARG A 132 18.51 16.91 19.36
CA ARG A 132 17.71 18.14 19.25
C ARG A 132 16.21 17.86 19.16
N ILE A 133 15.43 18.80 19.70
CA ILE A 133 13.99 18.69 19.67
C ILE A 133 13.44 19.91 18.94
N TRP A 134 12.60 19.65 17.94
CA TRP A 134 12.16 20.70 17.01
C TRP A 134 10.63 20.87 17.02
N ASP A 135 10.18 22.11 16.90
CA ASP A 135 8.75 22.39 16.74
C ASP A 135 8.37 22.15 15.28
N VAL A 136 7.43 21.26 15.03
CA VAL A 136 6.99 20.97 13.66
C VAL A 136 6.38 22.20 12.95
N LYS A 137 5.53 22.93 13.67
CA LYS A 137 4.83 24.08 13.09
C LYS A 137 5.77 25.19 12.60
N THR A 138 6.79 25.51 13.40
CA THR A 138 7.64 26.65 13.08
C THR A 138 9.01 26.26 12.52
N GLY A 139 9.36 24.99 12.66
CA GLY A 139 10.72 24.55 12.32
C GLY A 139 11.83 25.01 13.26
N LYS A 140 11.46 25.63 14.38
CA LYS A 140 12.44 26.13 15.34
C LYS A 140 13.00 25.01 16.22
N CYS A 141 14.28 25.08 16.53
CA CYS A 141 14.86 24.19 17.51
C CYS A 141 14.45 24.64 18.91
N LEU A 142 13.71 23.79 19.60
CA LEU A 142 13.26 24.09 20.96
C LEU A 142 14.31 23.80 22.02
N LYS A 143 15.03 22.67 21.89
CA LYS A 143 16.06 22.24 22.86
C LYS A 143 17.22 21.57 22.13
N THR A 144 18.44 21.86 22.59
CA THR A 144 19.61 21.08 22.21
C THR A 144 20.15 20.37 23.45
N LEU A 145 20.20 19.03 23.42
CA LEU A 145 20.67 18.25 24.56
C LEU A 145 22.12 17.79 24.34
N PRO A 146 23.03 18.10 25.29
CA PRO A 146 24.39 17.61 25.19
C PRO A 146 24.41 16.15 25.65
N ALA A 147 23.89 15.28 24.80
CA ALA A 147 23.39 13.96 25.18
C ALA A 147 24.44 12.93 25.37
N HIS A 148 25.47 12.98 24.52
CA HIS A 148 26.44 11.90 24.41
C HIS A 148 27.84 12.45 24.13
N SER A 149 28.86 11.58 24.17
CA SER A 149 30.25 11.97 23.89
C SER A 149 30.81 11.30 22.61
N ASP A 150 29.88 10.89 21.75
CA ASP A 150 30.16 10.30 20.44
C ASP A 150 28.87 10.37 19.62
N PRO A 151 28.93 10.06 18.30
CA PRO A 151 27.75 10.12 17.45
C PRO A 151 26.53 9.49 18.07
N VAL A 152 25.39 10.14 17.90
CA VAL A 152 24.10 9.61 18.35
C VAL A 152 23.49 8.71 17.28
N SER A 153 23.35 7.41 17.59
CA SER A 153 22.98 6.44 16.58
C SER A 153 21.46 6.29 16.40
N ALA A 154 20.66 6.61 17.42
CA ALA A 154 19.18 6.45 17.35
C ALA A 154 18.50 7.39 18.33
N VAL A 155 17.28 7.82 17.99
CA VAL A 155 16.41 8.59 18.89
C VAL A 155 14.97 8.14 18.62
N HIS A 156 14.18 7.99 19.68
CA HIS A 156 12.81 7.46 19.54
C HIS A 156 11.97 8.02 20.66
N PHE A 157 10.71 8.39 20.36
CA PHE A 157 9.77 8.77 21.42
C PHE A 157 9.00 7.55 21.88
N ASN A 158 8.62 7.53 23.15
CA ASN A 158 7.69 6.52 23.66
C ASN A 158 6.23 6.77 23.22
N ARG A 159 5.34 5.90 23.68
CA ARG A 159 3.94 5.78 23.23
C ARG A 159 3.12 7.09 23.34
N ASP A 160 3.48 7.95 24.29
CA ASP A 160 2.78 9.23 24.44
C ASP A 160 3.68 10.46 24.25
N GLY A 161 4.91 10.21 23.80
CA GLY A 161 5.81 11.32 23.50
C GLY A 161 6.42 12.00 24.72
N SER A 162 6.13 11.48 25.91
CA SER A 162 6.66 12.07 27.18
C SER A 162 8.15 11.80 27.43
N LEU A 163 8.66 10.72 26.82
CA LEU A 163 10.09 10.35 26.89
C LEU A 163 10.72 10.16 25.50
N ILE A 164 12.03 10.41 25.47
CA ILE A 164 12.91 10.09 24.35
C ILE A 164 13.96 9.10 24.83
N VAL A 165 14.24 8.08 24.02
CA VAL A 165 15.43 7.26 24.28
C VAL A 165 16.47 7.58 23.20
N SER A 166 17.73 7.75 23.60
CA SER A 166 18.85 7.94 22.66
C SER A 166 19.91 6.85 22.85
N SER A 167 20.68 6.54 21.79
CA SER A 167 21.80 5.61 21.88
C SER A 167 23.01 6.25 21.22
N SER A 168 24.19 5.81 21.63
CA SER A 168 25.39 6.40 21.06
C SER A 168 26.55 5.41 21.00
N TYR A 169 27.47 5.69 20.09
CA TYR A 169 28.73 4.98 20.06
C TYR A 169 29.53 5.11 21.37
N ASP A 170 29.14 6.07 22.23
CA ASP A 170 29.84 6.27 23.52
C ASP A 170 29.56 5.12 24.49
N GLY A 171 28.66 4.21 24.10
CA GLY A 171 28.34 3.05 24.91
C GLY A 171 27.12 3.22 25.79
N LEU A 172 26.51 4.41 25.76
CA LEU A 172 25.35 4.68 26.62
C LEU A 172 24.01 4.66 25.89
N CYS A 173 22.97 4.28 26.63
CA CYS A 173 21.60 4.53 26.25
C CYS A 173 20.99 5.46 27.30
N ARG A 174 20.38 6.56 26.87
CA ARG A 174 19.77 7.50 27.82
C ARG A 174 18.28 7.68 27.60
N ILE A 175 17.55 7.84 28.70
CA ILE A 175 16.11 8.15 28.66
C ILE A 175 15.96 9.61 29.12
N TRP A 176 15.22 10.37 28.33
CA TRP A 176 15.07 11.82 28.52
C TRP A 176 13.62 12.21 28.72
N ASP A 177 13.39 13.15 29.63
CA ASP A 177 12.07 13.75 29.74
C ASP A 177 11.93 14.79 28.61
N THR A 178 10.95 14.59 27.73
CA THR A 178 10.75 15.45 26.57
C THR A 178 10.52 16.93 26.93
N ALA A 179 9.62 17.17 27.88
CA ALA A 179 9.22 18.54 28.21
C ALA A 179 10.36 19.34 28.83
N SER A 180 11.15 18.69 29.70
CA SER A 180 12.23 19.37 30.45
C SER A 180 13.62 19.23 29.84
N GLY A 181 13.81 18.21 29.01
CA GLY A 181 15.13 17.91 28.42
C GLY A 181 16.09 17.25 29.39
N GLN A 182 15.58 16.82 30.54
CA GLN A 182 16.41 16.19 31.56
C GLN A 182 16.58 14.70 31.31
N CYS A 183 17.78 14.22 31.59
CA CYS A 183 18.10 12.79 31.53
C CYS A 183 17.56 12.11 32.78
N LEU A 184 16.64 11.16 32.60
CA LEU A 184 16.08 10.49 33.75
C LEU A 184 16.80 9.20 34.07
N LYS A 185 17.42 8.58 33.06
CA LYS A 185 18.12 7.31 33.29
C LYS A 185 19.23 7.12 32.27
N THR A 186 20.36 6.63 32.76
CA THR A 186 21.47 6.20 31.91
C THR A 186 21.64 4.69 32.12
N LEU A 187 21.59 3.93 31.02
CA LEU A 187 21.88 2.50 31.07
C LEU A 187 23.33 2.27 30.65
N ILE A 188 24.05 1.45 31.43
CA ILE A 188 25.47 1.24 31.17
C ILE A 188 25.82 -0.24 31.10
N ASP A 189 26.93 -0.54 30.44
CA ASP A 189 27.47 -1.90 30.39
C ASP A 189 28.96 -1.75 30.71
N ASP A 190 29.46 -2.51 31.69
CA ASP A 190 30.88 -2.39 32.12
C ASP A 190 31.88 -2.61 31.00
N ASP A 191 31.49 -3.36 29.98
CA ASP A 191 32.35 -3.59 28.82
C ASP A 191 32.15 -2.53 27.73
N ASN A 192 31.12 -1.72 27.90
CA ASN A 192 30.91 -0.52 27.10
C ASN A 192 30.97 -0.66 25.56
N PRO A 193 30.25 -1.66 24.96
CA PRO A 193 30.25 -1.69 23.49
C PRO A 193 29.45 -0.50 22.93
N PRO A 194 29.82 0.00 21.71
CA PRO A 194 29.05 1.06 21.05
C PRO A 194 27.58 0.60 20.93
N VAL A 195 26.64 1.49 21.24
CA VAL A 195 25.21 1.20 21.07
C VAL A 195 24.78 1.80 19.71
N SER A 196 24.35 0.91 18.81
CA SER A 196 24.16 1.26 17.40
C SER A 196 22.70 1.51 17.01
N PHE A 197 21.80 1.15 17.91
CA PHE A 197 20.37 1.37 17.72
C PHE A 197 19.61 1.20 19.04
N VAL A 198 18.54 1.97 19.23
CA VAL A 198 17.60 1.80 20.35
C VAL A 198 16.19 2.23 19.95
N LYS A 199 15.18 1.59 20.53
CA LYS A 199 13.82 2.11 20.43
C LYS A 199 13.02 1.57 21.60
N PHE A 200 11.94 2.28 21.97
CA PHE A 200 10.96 1.79 22.92
C PHE A 200 10.13 0.63 22.39
N SER A 201 9.69 -0.24 23.30
CA SER A 201 8.69 -1.25 22.98
C SER A 201 7.35 -0.55 22.77
N PRO A 202 6.42 -1.20 22.04
CA PRO A 202 5.14 -0.60 21.74
C PRO A 202 4.41 -0.15 23.00
N ASN A 203 4.55 -0.88 24.10
CA ASN A 203 3.89 -0.47 25.34
C ASN A 203 4.62 0.61 26.13
N GLY A 204 5.84 0.93 25.68
CA GLY A 204 6.67 1.95 26.31
C GLY A 204 7.39 1.55 27.59
N LYS A 205 7.25 0.29 28.01
CA LYS A 205 7.84 -0.16 29.28
C LYS A 205 9.30 -0.61 29.14
N TYR A 206 9.66 -0.98 27.92
CA TYR A 206 10.98 -1.52 27.65
C TYR A 206 11.69 -0.72 26.57
N ILE A 207 13.00 -0.86 26.53
CA ILE A 207 13.79 -0.44 25.36
C ILE A 207 14.51 -1.64 24.78
N LEU A 208 14.70 -1.61 23.47
CA LEU A 208 15.45 -2.62 22.73
C LEU A 208 16.70 -1.93 22.17
N ALA A 209 17.88 -2.36 22.63
CA ALA A 209 19.14 -1.70 22.25
C ALA A 209 20.06 -2.68 21.56
N ALA A 210 20.58 -2.26 20.40
CA ALA A 210 21.58 -3.04 19.67
C ALA A 210 22.97 -2.51 20.01
N THR A 211 23.91 -3.44 20.20
CA THR A 211 25.30 -3.08 20.43
C THR A 211 26.18 -3.76 19.38
N LEU A 212 27.33 -3.16 19.09
CA LEU A 212 28.23 -3.67 18.04
C LEU A 212 29.08 -4.84 18.47
N ASP A 213 28.49 -5.70 19.31
CA ASP A 213 29.08 -6.99 19.66
C ASP A 213 28.13 -8.15 19.31
N ASN A 214 27.33 -7.97 18.27
CA ASN A 214 26.43 -9.01 17.76
C ASN A 214 25.32 -9.39 18.75
N THR A 215 24.83 -8.41 19.51
CA THR A 215 23.74 -8.67 20.44
C THR A 215 22.72 -7.56 20.45
N LEU A 216 21.48 -7.96 20.70
CA LEU A 216 20.37 -7.06 20.95
C LEU A 216 19.88 -7.34 22.36
N LYS A 217 19.53 -6.29 23.10
CA LYS A 217 19.08 -6.48 24.47
C LYS A 217 17.79 -5.73 24.78
N LEU A 218 16.87 -6.45 25.40
CA LEU A 218 15.62 -5.89 25.93
C LEU A 218 15.83 -5.52 27.39
N TRP A 219 15.64 -4.23 27.69
CA TRP A 219 15.84 -3.68 29.03
C TRP A 219 14.54 -3.13 29.63
N ASP A 220 14.30 -3.40 30.90
CA ASP A 220 13.33 -2.64 31.69
C ASP A 220 14.11 -1.42 32.19
N TYR A 221 13.95 -0.29 31.52
CA TYR A 221 14.86 0.81 31.80
C TYR A 221 14.60 1.41 33.19
N SER A 222 13.35 1.39 33.66
CA SER A 222 13.03 1.90 35.00
C SER A 222 13.75 1.17 36.12
N LYS A 223 13.90 -0.13 35.94
CA LYS A 223 14.55 -0.97 36.92
C LYS A 223 16.04 -1.13 36.65
N GLY A 224 16.50 -0.64 35.50
CA GLY A 224 17.88 -0.86 35.05
C GLY A 224 18.22 -2.34 34.91
N LYS A 225 17.27 -3.13 34.41
CA LYS A 225 17.43 -4.59 34.35
C LYS A 225 17.35 -5.08 32.91
N CYS A 226 18.37 -5.82 32.48
CA CYS A 226 18.33 -6.46 31.16
C CYS A 226 17.54 -7.77 31.29
N LEU A 227 16.51 -7.89 30.47
CA LEU A 227 15.55 -8.99 30.57
C LEU A 227 15.79 -10.08 29.54
N LYS A 228 16.19 -9.68 28.33
CA LYS A 228 16.40 -10.63 27.24
C LYS A 228 17.61 -10.21 26.42
N THR A 229 18.37 -11.20 25.98
CA THR A 229 19.48 -10.96 25.06
C THR A 229 19.26 -11.80 23.78
N TYR A 230 19.21 -11.14 22.62
CA TYR A 230 19.05 -11.84 21.33
C TYR A 230 20.38 -11.90 20.63
N THR A 231 20.77 -13.09 20.18
CA THR A 231 22.11 -13.27 19.60
C THR A 231 22.05 -14.17 18.37
N GLY A 232 23.20 -14.37 17.71
CA GLY A 232 23.26 -15.27 16.56
C GLY A 232 23.32 -14.55 15.21
N HIS A 233 22.96 -13.27 15.18
CA HIS A 233 23.09 -12.48 13.94
C HIS A 233 24.47 -11.81 13.92
N LYS A 234 24.77 -11.08 12.84
CA LYS A 234 26.03 -10.39 12.76
C LYS A 234 25.81 -8.89 12.80
N ASN A 235 26.42 -8.23 13.78
CA ASN A 235 26.31 -6.77 13.89
C ASN A 235 27.46 -6.22 14.71
N GLU A 236 28.52 -5.86 14.01
CA GLU A 236 29.72 -5.30 14.61
C GLU A 236 30.20 -4.02 13.93
N LYS A 237 29.52 -3.61 12.87
CA LYS A 237 30.01 -2.53 12.01
C LYS A 237 29.01 -1.40 11.75
N TYR A 238 27.73 -1.74 11.52
CA TYR A 238 26.75 -0.74 11.09
C TYR A 238 25.62 -0.51 12.07
N CYS A 239 24.98 0.65 11.93
CA CYS A 239 23.82 0.98 12.76
C CYS A 239 22.58 0.42 12.08
N ILE A 240 22.24 -0.80 12.44
CA ILE A 240 21.15 -1.55 11.85
C ILE A 240 19.90 -1.38 12.70
N PHE A 241 18.76 -1.10 12.07
CA PHE A 241 17.47 -0.98 12.74
C PHE A 241 16.96 -2.35 13.24
N ALA A 242 16.31 -2.34 14.38
CA ALA A 242 15.58 -3.50 14.88
C ALA A 242 14.14 -3.09 15.22
N ASN A 243 13.29 -4.11 15.37
CA ASN A 243 11.87 -3.89 15.52
C ASN A 243 11.20 -4.90 16.44
N PHE A 244 10.06 -4.48 16.98
CA PHE A 244 9.09 -5.38 17.60
C PHE A 244 8.03 -5.68 16.52
N SER A 245 7.74 -6.95 16.29
CA SER A 245 6.65 -7.35 15.42
C SER A 245 5.52 -7.86 16.30
N VAL A 246 4.34 -7.24 16.19
CA VAL A 246 3.24 -7.50 17.12
C VAL A 246 1.90 -7.82 16.43
N THR A 247 1.91 -7.82 15.11
CA THR A 247 0.69 -8.12 14.36
C THR A 247 0.24 -9.58 14.40
N GLY A 248 1.20 -10.49 14.54
CA GLY A 248 0.92 -11.92 14.61
C GLY A 248 1.56 -12.45 15.87
N GLY A 249 2.49 -13.39 15.73
CA GLY A 249 3.30 -13.81 16.87
C GLY A 249 4.14 -12.62 17.34
N LYS A 250 4.59 -12.66 18.59
CA LYS A 250 5.40 -11.57 19.15
C LYS A 250 6.87 -11.84 18.87
N TRP A 251 7.44 -11.10 17.91
CA TRP A 251 8.82 -11.35 17.49
C TRP A 251 9.71 -10.14 17.66
N ILE A 252 11.02 -10.39 17.59
CA ILE A 252 12.00 -9.32 17.38
C ILE A 252 12.56 -9.50 15.98
N VAL A 253 12.66 -8.38 15.23
CA VAL A 253 13.12 -8.41 13.82
C VAL A 253 14.34 -7.50 13.66
N SER A 254 15.41 -7.99 13.04
CA SER A 254 16.58 -7.13 12.76
C SER A 254 17.29 -7.48 11.45
N GLY A 255 17.99 -6.51 10.87
CA GLY A 255 18.93 -6.79 9.80
C GLY A 255 20.19 -7.42 10.35
N SER A 256 21.12 -7.75 9.46
CA SER A 256 22.32 -8.45 9.86
C SER A 256 23.37 -8.27 8.80
N GLU A 257 24.63 -8.29 9.24
CA GLU A 257 25.75 -8.09 8.34
C GLU A 257 26.13 -9.35 7.55
N ASP A 258 25.42 -10.45 7.78
CA ASP A 258 25.56 -11.64 6.92
C ASP A 258 24.48 -11.68 5.82
N ASN A 259 23.86 -10.53 5.55
CA ASN A 259 22.88 -10.36 4.45
C ASN A 259 21.50 -10.98 4.67
N LEU A 260 21.21 -11.39 5.91
CA LEU A 260 19.93 -11.99 6.27
C LEU A 260 19.09 -11.10 7.14
N VAL A 261 17.76 -11.30 7.11
CA VAL A 261 16.89 -10.73 8.13
C VAL A 261 16.77 -11.79 9.21
N TYR A 262 16.97 -11.41 10.48
CA TYR A 262 16.73 -12.34 11.61
C TYR A 262 15.43 -12.09 12.34
N ILE A 263 14.74 -13.18 12.69
CA ILE A 263 13.49 -13.09 13.46
C ILE A 263 13.62 -13.99 14.69
N TRP A 264 13.42 -13.41 15.87
CA TRP A 264 13.49 -14.15 17.16
C TRP A 264 12.13 -14.18 17.86
N ASN A 265 11.86 -15.23 18.62
CA ASN A 265 10.75 -15.22 19.55
C ASN A 265 11.10 -14.26 20.68
N LEU A 266 10.23 -13.29 20.95
CA LEU A 266 10.53 -12.24 21.92
C LEU A 266 10.79 -12.81 23.33
N GLN A 267 9.94 -13.75 23.71
CA GLN A 267 10.02 -14.35 25.03
C GLN A 267 11.12 -15.39 25.20
N THR A 268 11.25 -16.28 24.22
CA THR A 268 12.23 -17.39 24.35
C THR A 268 13.62 -17.08 23.82
N LYS A 269 13.72 -16.07 22.95
CA LYS A 269 14.99 -15.66 22.33
C LYS A 269 15.47 -16.61 21.24
N GLU A 270 14.63 -17.59 20.89
CA GLU A 270 14.95 -18.54 19.82
C GLU A 270 14.83 -17.83 18.48
N ILE A 271 15.80 -18.01 17.60
CA ILE A 271 15.66 -17.58 16.21
C ILE A 271 14.60 -18.48 15.55
N VAL A 272 13.56 -17.86 15.03
CA VAL A 272 12.45 -18.64 14.45
C VAL A 272 12.44 -18.57 12.91
N GLN A 273 13.11 -17.57 12.35
CA GLN A 273 13.25 -17.53 10.91
C GLN A 273 14.42 -16.64 10.51
N LYS A 274 15.09 -17.02 9.42
CA LYS A 274 16.09 -16.15 8.79
C LYS A 274 15.67 -16.00 7.35
N LEU A 275 15.60 -14.75 6.88
CA LEU A 275 15.12 -14.46 5.52
C LEU A 275 16.30 -14.23 4.59
N GLN A 276 16.43 -15.11 3.60
CA GLN A 276 17.55 -15.06 2.65
C GLN A 276 17.13 -14.42 1.32
N GLY A 277 18.00 -13.61 0.75
CA GLY A 277 17.73 -13.01 -0.56
C GLY A 277 18.60 -11.81 -0.87
N HIS A 278 18.85 -10.97 0.13
CA HIS A 278 19.68 -9.78 -0.10
C HIS A 278 21.10 -10.20 -0.40
N THR A 279 21.84 -9.32 -1.07
CA THR A 279 23.23 -9.57 -1.46
C THR A 279 24.19 -8.56 -0.80
N ASP A 280 23.71 -7.86 0.21
CA ASP A 280 24.58 -7.00 1.04
C ASP A 280 23.96 -6.89 2.42
N VAL A 281 24.66 -6.21 3.32
CA VAL A 281 24.23 -5.99 4.69
C VAL A 281 22.79 -5.50 4.70
N VAL A 282 21.95 -6.13 5.51
CA VAL A 282 20.57 -5.67 5.66
C VAL A 282 20.59 -4.57 6.73
N ILE A 283 20.60 -3.33 6.28
CA ILE A 283 20.79 -2.18 7.20
C ILE A 283 19.50 -1.79 7.92
N SER A 284 18.36 -2.15 7.35
CA SER A 284 17.10 -1.66 7.89
C SER A 284 16.00 -2.65 7.63
N THR A 285 15.14 -2.80 8.64
CA THR A 285 13.91 -3.60 8.54
C THR A 285 12.83 -2.78 9.18
N ALA A 286 11.58 -3.01 8.75
CA ALA A 286 10.42 -2.36 9.35
C ALA A 286 9.26 -3.33 9.32
N CYS A 287 8.39 -3.21 10.34
CA CYS A 287 7.24 -4.11 10.46
C CYS A 287 5.97 -3.33 10.18
N HIS A 288 5.11 -3.89 9.33
CA HIS A 288 3.85 -3.25 8.92
C HIS A 288 2.93 -3.08 10.13
N PRO A 289 2.23 -1.92 10.23
CA PRO A 289 1.42 -1.68 11.43
C PRO A 289 0.25 -2.65 11.63
N THR A 290 -0.34 -3.20 10.56
CA THR A 290 -1.49 -4.09 10.76
C THR A 290 -1.38 -5.50 10.19
N GLU A 291 -0.56 -5.66 9.15
CA GLU A 291 -0.38 -6.95 8.50
C GLU A 291 0.96 -7.57 8.87
N ASN A 292 1.11 -8.89 8.70
CA ASN A 292 2.39 -9.58 8.94
C ASN A 292 3.29 -9.41 7.71
N ILE A 293 3.79 -8.19 7.55
CA ILE A 293 4.64 -7.85 6.41
C ILE A 293 5.89 -7.18 6.99
N ILE A 294 7.04 -7.58 6.47
CA ILE A 294 8.33 -6.98 6.82
C ILE A 294 8.88 -6.33 5.57
N ALA A 295 9.45 -5.14 5.72
CA ALA A 295 10.28 -4.57 4.66
C ALA A 295 11.73 -4.63 5.11
N SER A 296 12.63 -4.96 4.19
CA SER A 296 14.06 -4.97 4.47
C SER A 296 14.81 -4.21 3.38
N ALA A 297 15.98 -3.63 3.72
CA ALA A 297 16.73 -2.88 2.72
C ALA A 297 18.23 -3.07 2.94
N ALA A 298 19.01 -2.97 1.86
CA ALA A 298 20.38 -3.43 1.90
C ALA A 298 21.37 -2.41 1.36
N LEU A 299 22.66 -2.63 1.66
CA LEU A 299 23.73 -1.70 1.30
C LEU A 299 24.17 -1.76 -0.18
N GLU A 300 25.31 -1.12 -0.51
CA GLU A 300 25.73 -0.81 -1.89
C GLU A 300 25.78 -1.97 -2.92
N ASN A 301 26.11 -3.20 -2.51
CA ASN A 301 26.14 -4.34 -3.48
C ASN A 301 24.73 -4.73 -3.95
N ASP A 302 23.72 -4.23 -3.25
CA ASP A 302 22.34 -4.69 -3.40
C ASP A 302 21.44 -3.52 -3.82
N LYS A 303 21.28 -2.53 -2.94
CA LYS A 303 20.49 -1.29 -3.22
C LYS A 303 18.99 -1.52 -3.38
N THR A 304 18.51 -2.69 -2.97
CA THR A 304 17.08 -2.99 -3.11
C THR A 304 16.40 -3.06 -1.74
N ILE A 305 15.07 -2.93 -1.80
CA ILE A 305 14.16 -3.15 -0.69
C ILE A 305 13.36 -4.41 -1.00
N LYS A 306 13.14 -5.28 -0.01
CA LYS A 306 12.30 -6.44 -0.23
C LYS A 306 11.09 -6.40 0.70
N LEU A 307 9.96 -6.91 0.20
CA LEU A 307 8.72 -7.05 0.98
C LEU A 307 8.42 -8.52 1.14
N TRP A 308 8.13 -8.92 2.38
CA TRP A 308 7.98 -10.31 2.78
C TRP A 308 6.67 -10.42 3.56
N LYS A 309 5.98 -11.54 3.39
CA LYS A 309 4.65 -11.73 3.98
C LYS A 309 4.56 -13.09 4.67
N SER A 310 3.96 -13.10 5.86
CA SER A 310 3.78 -14.30 6.67
C SER A 310 2.32 -14.48 7.05
N ASP A 311 1.96 -15.72 7.35
CA ASP A 311 0.62 -16.05 7.86
C ASP A 311 0.47 -15.77 9.35
N CYS A 312 1.58 -15.61 10.07
CA CYS A 312 1.53 -15.23 11.49
C CYS A 312 2.75 -14.43 11.91
N VAL B 9 -2.38 17.74 -22.97
CA VAL B 9 -3.72 18.27 -23.40
C VAL B 9 -4.68 17.16 -23.86
N LYS B 10 -4.21 16.27 -24.74
CA LYS B 10 -5.01 15.11 -25.16
C LYS B 10 -4.10 13.90 -25.36
N PRO B 11 -4.60 12.69 -25.00
CA PRO B 11 -3.82 11.48 -25.24
C PRO B 11 -3.92 11.12 -26.71
N ASN B 12 -3.17 10.11 -27.14
CA ASN B 12 -3.23 9.67 -28.53
C ASN B 12 -3.28 8.15 -28.64
N TYR B 13 -4.22 7.55 -27.89
CA TYR B 13 -4.38 6.10 -27.88
C TYR B 13 -4.61 5.57 -29.29
N ALA B 14 -3.90 4.51 -29.63
CA ALA B 14 -3.99 3.90 -30.95
C ALA B 14 -4.11 2.40 -30.75
N LEU B 15 -4.93 1.73 -31.56
CA LEU B 15 -5.12 0.28 -31.42
C LEU B 15 -3.84 -0.50 -31.70
N LYS B 16 -3.44 -1.37 -30.78
CA LYS B 16 -2.24 -2.19 -30.97
C LYS B 16 -2.60 -3.65 -31.19
N PHE B 17 -3.57 -4.17 -30.44
CA PHE B 17 -3.90 -5.60 -30.54
C PHE B 17 -5.40 -5.84 -30.33
N THR B 18 -5.93 -6.84 -31.02
CA THR B 18 -7.32 -7.30 -30.78
C THR B 18 -7.21 -8.75 -30.36
N LEU B 19 -7.80 -9.07 -29.21
CA LEU B 19 -7.68 -10.39 -28.60
C LEU B 19 -9.01 -11.11 -28.69
N ALA B 20 -9.06 -12.16 -29.50
CA ALA B 20 -10.30 -12.91 -29.72
C ALA B 20 -10.11 -14.28 -29.08
N GLY B 21 -11.20 -14.90 -28.64
CA GLY B 21 -11.07 -16.17 -27.94
C GLY B 21 -12.33 -16.55 -27.21
N HIS B 22 -12.98 -15.57 -26.59
CA HIS B 22 -14.23 -15.83 -25.90
C HIS B 22 -15.33 -16.13 -26.91
N THR B 23 -16.28 -16.97 -26.51
CA THR B 23 -17.33 -17.44 -27.40
C THR B 23 -18.70 -16.89 -27.07
N LYS B 24 -18.77 -16.06 -26.04
CA LYS B 24 -19.92 -15.18 -25.83
C LYS B 24 -19.36 -13.81 -25.43
N ALA B 25 -20.27 -12.87 -25.21
CA ALA B 25 -19.92 -11.51 -24.77
C ALA B 25 -18.89 -11.52 -23.66
N VAL B 26 -17.92 -10.61 -23.71
CA VAL B 26 -16.96 -10.41 -22.62
C VAL B 26 -17.66 -9.56 -21.54
N SER B 27 -17.36 -9.80 -20.25
CA SER B 27 -18.02 -9.02 -19.19
C SER B 27 -17.09 -8.03 -18.45
N SER B 28 -15.81 -8.37 -18.32
CA SER B 28 -14.93 -7.61 -17.46
C SER B 28 -13.49 -7.90 -17.86
N VAL B 29 -12.67 -6.86 -17.98
CA VAL B 29 -11.21 -7.04 -18.12
C VAL B 29 -10.49 -6.27 -16.99
N LYS B 30 -9.39 -6.85 -16.47
CA LYS B 30 -8.60 -6.25 -15.37
C LYS B 30 -7.12 -6.54 -15.58
N PHE B 31 -6.28 -5.52 -15.48
CA PHE B 31 -4.81 -5.71 -15.52
C PHE B 31 -4.34 -6.17 -14.17
N SER B 32 -3.39 -7.10 -14.13
CA SER B 32 -2.75 -7.52 -12.88
C SER B 32 -2.01 -6.33 -12.26
N PRO B 33 -1.99 -6.24 -10.93
CA PRO B 33 -1.24 -5.22 -10.22
C PRO B 33 0.23 -5.09 -10.64
N ASN B 34 0.85 -6.21 -11.03
CA ASN B 34 2.24 -6.17 -11.47
C ASN B 34 2.38 -5.80 -12.94
N GLY B 35 1.25 -5.57 -13.62
CA GLY B 35 1.26 -5.05 -15.00
C GLY B 35 1.56 -6.05 -16.11
N GLU B 36 1.81 -7.32 -15.75
CA GLU B 36 2.20 -8.31 -16.74
C GLU B 36 1.03 -8.90 -17.51
N TRP B 37 -0.15 -8.93 -16.85
CA TRP B 37 -1.28 -9.72 -17.37
C TRP B 37 -2.56 -8.92 -17.46
N LEU B 38 -3.44 -9.39 -18.34
CA LEU B 38 -4.81 -8.95 -18.40
C LEU B 38 -5.67 -10.18 -18.20
N ALA B 39 -6.64 -10.11 -17.29
CA ALA B 39 -7.60 -11.19 -17.11
C ALA B 39 -8.92 -10.75 -17.72
N SER B 40 -9.63 -11.67 -18.35
CA SER B 40 -10.95 -11.37 -18.89
C SER B 40 -11.94 -12.43 -18.44
N SER B 41 -13.17 -12.01 -18.14
CA SER B 41 -14.25 -12.94 -17.83
C SER B 41 -15.32 -12.78 -18.88
N SER B 42 -16.17 -13.79 -19.00
CA SER B 42 -17.17 -13.83 -20.08
C SER B 42 -18.44 -14.59 -19.69
N ALA B 43 -19.52 -14.32 -20.40
CA ALA B 43 -20.73 -15.12 -20.28
C ALA B 43 -20.48 -16.54 -20.76
N ASP B 44 -19.32 -16.81 -21.37
CA ASP B 44 -18.99 -18.20 -21.83
C ASP B 44 -18.47 -19.08 -20.70
N LYS B 45 -18.55 -18.58 -19.47
CA LYS B 45 -18.19 -19.34 -18.26
C LYS B 45 -16.69 -19.40 -18.00
N LEU B 46 -15.91 -18.68 -18.80
CA LEU B 46 -14.45 -18.77 -18.74
C LEU B 46 -13.78 -17.49 -18.31
N ILE B 47 -12.59 -17.66 -17.72
CA ILE B 47 -11.62 -16.60 -17.51
C ILE B 47 -10.45 -16.88 -18.45
N LYS B 48 -9.98 -15.85 -19.14
CA LYS B 48 -8.76 -16.00 -19.93
C LYS B 48 -7.72 -15.00 -19.47
N ILE B 49 -6.46 -15.39 -19.58
CA ILE B 49 -5.32 -14.55 -19.21
C ILE B 49 -4.51 -14.26 -20.48
N TRP B 50 -4.05 -13.03 -20.62
CA TRP B 50 -3.34 -12.57 -21.82
C TRP B 50 -2.16 -11.74 -21.40
N GLY B 51 -1.10 -11.74 -22.19
CA GLY B 51 0.03 -10.86 -21.89
C GLY B 51 -0.40 -9.41 -22.08
N ALA B 52 -0.12 -8.57 -21.09
CA ALA B 52 -0.51 -7.15 -21.15
C ALA B 52 0.15 -6.31 -22.22
N TYR B 53 1.38 -6.68 -22.63
CA TYR B 53 2.14 -5.84 -23.56
C TYR B 53 2.06 -6.31 -24.99
N ASP B 54 1.97 -7.63 -25.19
CA ASP B 54 1.88 -8.23 -26.53
C ASP B 54 0.53 -8.83 -26.87
N GLY B 55 -0.38 -8.90 -25.88
CA GLY B 55 -1.71 -9.44 -26.09
C GLY B 55 -1.76 -10.93 -26.40
N LYS B 56 -0.67 -11.65 -26.11
CA LYS B 56 -0.68 -13.07 -26.47
C LYS B 56 -1.42 -13.86 -25.43
N PHE B 57 -2.25 -14.79 -25.89
CA PHE B 57 -3.04 -15.67 -25.03
C PHE B 57 -2.12 -16.50 -24.15
N GLU B 58 -2.47 -16.59 -22.86
CA GLU B 58 -1.66 -17.32 -21.89
C GLU B 58 -2.36 -18.59 -21.43
N LYS B 59 -3.61 -18.49 -20.95
CA LYS B 59 -4.34 -19.66 -20.50
C LYS B 59 -5.81 -19.38 -20.33
N THR B 60 -6.60 -20.45 -20.34
CA THR B 60 -8.02 -20.44 -20.02
C THR B 60 -8.20 -21.07 -18.65
N ILE B 61 -9.01 -20.43 -17.80
CA ILE B 61 -9.32 -20.94 -16.48
C ILE B 61 -10.81 -21.27 -16.43
N SER B 62 -11.14 -22.53 -16.13
CA SER B 62 -12.55 -22.95 -16.16
C SER B 62 -13.00 -23.65 -14.88
N GLY B 63 -14.31 -23.74 -14.71
CA GLY B 63 -14.87 -24.42 -13.55
C GLY B 63 -16.23 -23.89 -13.13
N HIS B 64 -16.51 -22.60 -13.39
CA HIS B 64 -17.85 -22.04 -13.12
C HIS B 64 -18.91 -22.76 -14.01
N LYS B 65 -20.11 -22.93 -13.47
CA LYS B 65 -21.19 -23.64 -14.20
C LYS B 65 -22.05 -22.75 -15.07
N LEU B 66 -21.92 -21.44 -14.87
CA LEU B 66 -22.67 -20.44 -15.62
C LEU B 66 -21.75 -19.23 -15.87
N GLY B 67 -22.27 -18.22 -16.57
CA GLY B 67 -21.44 -17.08 -16.98
C GLY B 67 -20.84 -16.33 -15.82
N ILE B 68 -19.79 -15.56 -16.11
CA ILE B 68 -19.06 -14.77 -15.12
C ILE B 68 -19.29 -13.30 -15.44
N SER B 69 -19.59 -12.49 -14.42
CA SER B 69 -19.82 -11.06 -14.61
C SER B 69 -18.64 -10.20 -14.20
N ASP B 70 -17.72 -10.76 -13.43
CA ASP B 70 -16.58 -9.95 -12.94
C ASP B 70 -15.42 -10.83 -12.53
N VAL B 71 -14.24 -10.22 -12.45
CA VAL B 71 -13.02 -10.90 -12.07
C VAL B 71 -12.14 -9.84 -11.42
N ALA B 72 -11.31 -10.25 -10.47
CA ALA B 72 -10.43 -9.29 -9.79
C ALA B 72 -9.15 -9.98 -9.33
N TRP B 73 -8.05 -9.23 -9.30
CA TRP B 73 -6.71 -9.76 -8.89
C TRP B 73 -6.35 -9.44 -7.43
N SER B 74 -5.65 -10.37 -6.79
CA SER B 74 -4.98 -10.05 -5.52
C SER B 74 -3.81 -9.09 -5.77
N SER B 75 -3.40 -8.39 -4.71
CA SER B 75 -2.30 -7.41 -4.78
C SER B 75 -0.96 -7.97 -5.27
N ASP B 76 -0.72 -9.24 -4.97
CA ASP B 76 0.50 -9.91 -5.43
C ASP B 76 0.38 -10.53 -6.83
N SER B 77 -0.75 -10.31 -7.50
CA SER B 77 -1.01 -10.89 -8.84
C SER B 77 -1.06 -12.42 -8.88
N ASN B 78 -1.14 -13.08 -7.72
CA ASN B 78 -1.04 -14.55 -7.69
C ASN B 78 -2.40 -15.24 -7.65
N LEU B 79 -3.44 -14.48 -7.30
CA LEU B 79 -4.78 -15.03 -7.20
C LEU B 79 -5.73 -14.23 -8.02
N LEU B 80 -6.79 -14.89 -8.48
CA LEU B 80 -7.96 -14.21 -9.03
C LEU B 80 -9.21 -14.61 -8.28
N VAL B 81 -10.16 -13.71 -8.23
CA VAL B 81 -11.52 -14.09 -7.80
C VAL B 81 -12.49 -13.76 -8.95
N SER B 82 -13.48 -14.63 -9.15
CA SER B 82 -14.51 -14.42 -10.16
C SER B 82 -15.91 -14.48 -9.57
N ALA B 83 -16.84 -13.70 -10.13
CA ALA B 83 -18.25 -13.63 -9.67
C ALA B 83 -19.13 -14.20 -10.76
N SER B 84 -19.93 -15.22 -10.43
CA SER B 84 -20.71 -15.95 -11.45
C SER B 84 -22.23 -16.01 -11.26
N ASP B 85 -22.93 -16.19 -12.37
CA ASP B 85 -24.36 -16.51 -12.35
C ASP B 85 -24.71 -17.78 -11.62
N ASP B 86 -23.72 -18.64 -11.35
CA ASP B 86 -23.98 -19.87 -10.60
C ASP B 86 -24.10 -19.65 -9.08
N LYS B 87 -24.12 -18.36 -8.67
CA LYS B 87 -24.33 -17.92 -7.29
C LYS B 87 -23.09 -18.04 -6.42
N THR B 88 -21.95 -18.36 -7.03
CA THR B 88 -20.73 -18.52 -6.28
C THR B 88 -19.68 -17.56 -6.80
N LEU B 89 -18.70 -17.29 -5.94
CA LEU B 89 -17.40 -16.82 -6.38
C LEU B 89 -16.41 -17.96 -6.27
N LYS B 90 -15.38 -17.90 -7.10
CA LYS B 90 -14.30 -18.85 -7.01
C LYS B 90 -12.99 -18.10 -6.90
N ILE B 91 -12.10 -18.59 -6.03
CA ILE B 91 -10.72 -18.08 -5.94
C ILE B 91 -9.77 -19.01 -6.67
N TRP B 92 -8.94 -18.44 -7.55
CA TRP B 92 -8.11 -19.23 -8.46
C TRP B 92 -6.64 -18.95 -8.23
N ASP B 93 -5.82 -20.00 -8.29
CA ASP B 93 -4.38 -19.85 -8.34
C ASP B 93 -4.01 -19.56 -9.78
N VAL B 94 -3.54 -18.34 -10.05
CA VAL B 94 -3.21 -17.88 -11.42
C VAL B 94 -2.17 -18.79 -12.11
N SER B 95 -1.16 -19.21 -11.36
CA SER B 95 -0.06 -20.02 -11.88
C SER B 95 -0.53 -21.39 -12.38
N SER B 96 -1.35 -22.08 -11.57
CA SER B 96 -1.82 -23.42 -11.94
C SER B 96 -3.16 -23.46 -12.68
N GLY B 97 -3.96 -22.40 -12.57
CA GLY B 97 -5.34 -22.40 -13.09
C GLY B 97 -6.33 -23.11 -12.19
N LYS B 98 -5.87 -23.61 -11.04
CA LYS B 98 -6.73 -24.40 -10.16
C LYS B 98 -7.65 -23.53 -9.31
N CYS B 99 -8.89 -24.00 -9.14
CA CYS B 99 -9.81 -23.41 -8.18
C CYS B 99 -9.36 -23.77 -6.75
N LEU B 100 -9.00 -22.76 -5.96
CA LEU B 100 -8.60 -22.98 -4.58
C LEU B 100 -9.78 -23.10 -3.65
N LYS B 101 -10.77 -22.22 -3.85
CA LYS B 101 -11.95 -22.19 -2.99
C LYS B 101 -13.18 -21.78 -3.77
N THR B 102 -14.34 -22.31 -3.38
CA THR B 102 -15.63 -21.83 -3.90
C THR B 102 -16.41 -21.16 -2.78
N LEU B 103 -16.79 -19.90 -2.97
CA LEU B 103 -17.41 -19.11 -1.94
C LEU B 103 -18.92 -19.17 -2.16
N LYS B 104 -19.64 -19.78 -1.22
CA LYS B 104 -21.07 -20.05 -1.35
C LYS B 104 -21.82 -19.33 -0.26
N GLY B 105 -22.95 -18.76 -0.64
CA GLY B 105 -23.79 -18.03 0.31
C GLY B 105 -24.78 -17.11 -0.36
N HIS B 106 -24.38 -16.47 -1.46
CA HIS B 106 -25.34 -15.64 -2.19
C HIS B 106 -26.50 -16.47 -2.72
N SER B 107 -27.68 -15.88 -2.83
CA SER B 107 -28.89 -16.61 -3.22
C SER B 107 -29.34 -16.25 -4.65
N ASN B 108 -28.52 -15.49 -5.34
CA ASN B 108 -28.75 -15.16 -6.75
C ASN B 108 -27.42 -14.85 -7.40
N TYR B 109 -27.42 -14.43 -8.67
CA TYR B 109 -26.18 -14.17 -9.42
C TYR B 109 -25.24 -13.25 -8.64
N VAL B 110 -23.96 -13.60 -8.63
CA VAL B 110 -22.94 -12.70 -8.08
C VAL B 110 -22.46 -11.84 -9.25
N PHE B 111 -22.47 -10.52 -9.06
CA PHE B 111 -22.32 -9.60 -10.19
C PHE B 111 -20.95 -8.87 -10.22
N CYS B 112 -20.38 -8.66 -9.03
CA CYS B 112 -19.15 -7.86 -8.86
C CYS B 112 -18.32 -8.37 -7.71
N CYS B 113 -16.99 -8.14 -7.78
CA CYS B 113 -16.12 -8.64 -6.74
C CYS B 113 -14.80 -7.87 -6.73
N ASN B 114 -14.11 -7.94 -5.59
CA ASN B 114 -12.82 -7.28 -5.45
C ASN B 114 -12.09 -7.80 -4.24
N PHE B 115 -10.75 -7.81 -4.29
CA PHE B 115 -9.92 -8.07 -3.12
C PHE B 115 -9.68 -6.73 -2.42
N ASN B 116 -9.47 -6.74 -1.10
CA ASN B 116 -8.87 -5.56 -0.45
C ASN B 116 -7.38 -5.46 -0.84
N PRO B 117 -6.76 -4.30 -0.61
CA PRO B 117 -5.31 -4.21 -0.86
C PRO B 117 -4.45 -5.26 -0.12
N GLN B 118 -4.82 -5.55 1.13
CA GLN B 118 -4.16 -6.55 1.94
C GLN B 118 -4.34 -7.96 1.34
N SER B 119 -5.41 -8.12 0.55
CA SER B 119 -5.76 -9.36 -0.14
C SER B 119 -6.07 -10.53 0.79
N ASN B 120 -6.52 -10.22 2.01
CA ASN B 120 -7.02 -11.28 2.89
C ASN B 120 -8.55 -11.32 2.92
N LEU B 121 -9.19 -10.35 2.27
CA LEU B 121 -10.65 -10.30 2.16
C LEU B 121 -11.10 -10.14 0.72
N ILE B 122 -12.26 -10.70 0.41
CA ILE B 122 -12.96 -10.40 -0.85
C ILE B 122 -14.31 -9.77 -0.53
N VAL B 123 -14.71 -8.78 -1.32
CA VAL B 123 -16.04 -8.20 -1.18
C VAL B 123 -16.81 -8.57 -2.47
N SER B 124 -18.10 -8.88 -2.34
CA SER B 124 -18.90 -9.27 -3.51
C SER B 124 -20.25 -8.61 -3.43
N GLY B 125 -20.85 -8.39 -4.60
CA GLY B 125 -22.22 -7.88 -4.65
C GLY B 125 -23.07 -8.74 -5.57
N SER B 126 -24.37 -8.81 -5.28
CA SER B 126 -25.22 -9.81 -5.90
C SER B 126 -26.59 -9.25 -6.29
N PHE B 127 -27.24 -9.95 -7.21
CA PHE B 127 -28.64 -9.69 -7.50
C PHE B 127 -29.52 -10.00 -6.29
N ASP B 128 -28.98 -10.67 -5.27
CA ASP B 128 -29.75 -10.90 -4.03
C ASP B 128 -29.78 -9.67 -3.12
N GLU B 129 -29.20 -8.56 -3.60
CA GLU B 129 -29.30 -7.22 -2.95
C GLU B 129 -28.35 -7.06 -1.74
N SER B 130 -27.49 -8.06 -1.54
CA SER B 130 -26.55 -8.03 -0.44
C SER B 130 -25.11 -7.80 -0.89
N VAL B 131 -24.35 -7.28 0.05
CA VAL B 131 -22.87 -7.22 -0.06
C VAL B 131 -22.32 -8.22 0.95
N ARG B 132 -21.43 -9.10 0.50
CA ARG B 132 -20.80 -10.08 1.40
C ARG B 132 -19.28 -9.86 1.45
N ILE B 133 -18.72 -10.10 2.63
CA ILE B 133 -17.27 -9.97 2.87
C ILE B 133 -16.75 -11.34 3.31
N TRP B 134 -15.73 -11.83 2.62
CA TRP B 134 -15.27 -13.22 2.73
C TRP B 134 -13.82 -13.28 3.15
N ASP B 135 -13.48 -14.29 3.95
CA ASP B 135 -12.09 -14.54 4.32
C ASP B 135 -11.40 -15.34 3.22
N VAL B 136 -10.34 -14.79 2.65
CA VAL B 136 -9.61 -15.46 1.55
C VAL B 136 -8.99 -16.78 2.02
N LYS B 137 -8.42 -16.80 3.22
CA LYS B 137 -7.71 -17.98 3.69
C LYS B 137 -8.65 -19.18 3.88
N THR B 138 -9.80 -18.95 4.51
CA THR B 138 -10.74 -20.04 4.81
C THR B 138 -11.91 -20.15 3.83
N GLY B 139 -12.15 -19.11 3.04
CA GLY B 139 -13.32 -19.08 2.15
C GLY B 139 -14.63 -18.82 2.86
N LYS B 140 -14.59 -18.57 4.16
CA LYS B 140 -15.85 -18.41 4.88
C LYS B 140 -16.39 -16.99 4.73
N CYS B 141 -17.71 -16.88 4.68
CA CYS B 141 -18.35 -15.57 4.67
C CYS B 141 -18.27 -14.97 6.07
N LEU B 142 -17.59 -13.83 6.19
CA LEU B 142 -17.48 -13.12 7.47
C LEU B 142 -18.67 -12.23 7.80
N LYS B 143 -19.20 -11.51 6.81
CA LYS B 143 -20.35 -10.63 7.01
C LYS B 143 -21.24 -10.66 5.78
N THR B 144 -22.55 -10.61 5.99
CA THR B 144 -23.50 -10.32 4.93
C THR B 144 -24.20 -9.02 5.31
N LEU B 145 -24.10 -8.02 4.43
CA LEU B 145 -24.69 -6.70 4.66
C LEU B 145 -25.99 -6.56 3.85
N PRO B 146 -27.14 -6.27 4.51
CA PRO B 146 -28.35 -6.07 3.72
C PRO B 146 -28.26 -4.67 3.12
N ALA B 147 -27.47 -4.56 2.06
CA ALA B 147 -26.89 -3.28 1.65
C ALA B 147 -27.82 -2.41 0.83
N HIS B 148 -28.70 -3.03 0.04
CA HIS B 148 -29.48 -2.32 -0.97
C HIS B 148 -30.86 -3.00 -1.13
N SER B 149 -31.75 -2.37 -1.88
CA SER B 149 -33.08 -2.93 -2.13
C SER B 149 -33.27 -3.32 -3.61
N ASP B 150 -32.15 -3.50 -4.31
CA ASP B 150 -32.13 -3.94 -5.71
C ASP B 150 -30.71 -4.45 -6.00
N PRO B 151 -30.50 -5.13 -7.16
CA PRO B 151 -29.18 -5.70 -7.41
C PRO B 151 -28.02 -4.75 -7.15
N VAL B 152 -26.97 -5.32 -6.60
CA VAL B 152 -25.72 -4.58 -6.32
C VAL B 152 -24.80 -4.61 -7.55
N SER B 153 -24.53 -3.43 -8.14
CA SER B 153 -23.84 -3.39 -9.40
C SER B 153 -22.31 -3.30 -9.32
N ALA B 154 -21.79 -2.80 -8.20
CA ALA B 154 -20.33 -2.65 -8.04
C ALA B 154 -19.97 -2.67 -6.57
N VAL B 155 -18.75 -3.12 -6.26
CA VAL B 155 -18.17 -3.07 -4.91
C VAL B 155 -16.65 -2.84 -5.06
N HIS B 156 -16.09 -1.98 -4.19
CA HIS B 156 -14.65 -1.63 -4.31
C HIS B 156 -14.12 -1.23 -2.93
N PHE B 157 -12.89 -1.66 -2.63
CA PHE B 157 -12.20 -1.20 -1.40
C PHE B 157 -11.41 0.06 -1.70
N ASN B 158 -11.26 0.91 -0.68
CA ASN B 158 -10.33 2.04 -0.77
C ASN B 158 -8.88 1.62 -0.53
N ARG B 159 -7.97 2.59 -0.53
CA ARG B 159 -6.52 2.28 -0.60
C ARG B 159 -5.98 1.59 0.67
N ASP B 160 -6.57 1.88 1.83
CA ASP B 160 -6.13 1.19 3.04
C ASP B 160 -7.01 0.02 3.43
N GLY B 161 -8.04 -0.26 2.63
CA GLY B 161 -8.91 -1.40 2.89
C GLY B 161 -9.99 -1.18 3.96
N SER B 162 -10.02 0.02 4.56
CA SER B 162 -10.88 0.29 5.71
C SER B 162 -12.31 0.57 5.29
N LEU B 163 -12.49 0.91 4.01
CA LEU B 163 -13.79 1.22 3.45
C LEU B 163 -14.10 0.43 2.19
N ILE B 164 -15.39 0.16 2.03
CA ILE B 164 -15.99 -0.41 0.83
C ILE B 164 -17.03 0.58 0.32
N VAL B 165 -17.05 0.83 -0.99
CA VAL B 165 -18.16 1.55 -1.63
C VAL B 165 -18.99 0.55 -2.45
N SER B 166 -20.32 0.61 -2.34
CA SER B 166 -21.18 -0.22 -3.15
C SER B 166 -22.12 0.67 -3.94
N SER B 167 -22.62 0.17 -5.08
CA SER B 167 -23.65 0.87 -5.85
C SER B 167 -24.75 -0.14 -6.20
N SER B 168 -25.94 0.37 -6.43
CA SER B 168 -27.08 -0.49 -6.76
C SER B 168 -28.07 0.13 -7.74
N TYR B 169 -28.84 -0.73 -8.38
CA TYR B 169 -29.99 -0.30 -9.17
C TYR B 169 -31.04 0.45 -8.33
N ASP B 170 -30.96 0.32 -7.00
CA ASP B 170 -31.89 1.03 -6.10
C ASP B 170 -31.67 2.54 -6.07
N GLY B 171 -30.59 3.01 -6.70
CA GLY B 171 -30.32 4.46 -6.85
C GLY B 171 -29.33 4.99 -5.82
N LEU B 172 -28.86 4.11 -4.93
CA LEU B 172 -27.94 4.50 -3.85
C LEU B 172 -26.48 4.15 -4.10
N CYS B 173 -25.60 4.98 -3.56
CA CYS B 173 -24.22 4.61 -3.35
C CYS B 173 -23.97 4.65 -1.84
N ARG B 174 -23.42 3.57 -1.29
CA ARG B 174 -23.13 3.52 0.14
C ARG B 174 -21.64 3.27 0.41
N ILE B 175 -21.13 3.88 1.48
CA ILE B 175 -19.77 3.71 1.96
C ILE B 175 -19.89 2.95 3.27
N TRP B 176 -19.16 1.85 3.37
CA TRP B 176 -19.19 0.94 4.51
C TRP B 176 -17.84 0.83 5.22
N ASP B 177 -17.88 0.70 6.55
CA ASP B 177 -16.68 0.38 7.31
C ASP B 177 -16.48 -1.11 7.21
N THR B 178 -15.34 -1.53 6.67
CA THR B 178 -15.05 -2.95 6.44
C THR B 178 -15.13 -3.77 7.75
N ALA B 179 -14.44 -3.27 8.77
CA ALA B 179 -14.26 -4.04 10.01
C ALA B 179 -15.57 -4.25 10.75
N SER B 180 -16.42 -3.23 10.76
CA SER B 180 -17.68 -3.29 11.50
C SER B 180 -18.92 -3.62 10.66
N GLY B 181 -18.81 -3.46 9.35
CA GLY B 181 -19.95 -3.67 8.44
C GLY B 181 -20.99 -2.56 8.48
N GLN B 182 -20.67 -1.46 9.16
CA GLN B 182 -21.63 -0.37 9.32
C GLN B 182 -21.60 0.57 8.13
N CYS B 183 -22.78 1.07 7.78
CA CYS B 183 -22.88 2.05 6.70
C CYS B 183 -22.50 3.42 7.25
N LEU B 184 -21.43 4.01 6.72
CA LEU B 184 -20.98 5.33 7.17
C LEU B 184 -21.59 6.50 6.40
N LYS B 185 -22.04 6.26 5.17
CA LYS B 185 -22.51 7.33 4.31
C LYS B 185 -23.35 6.75 3.18
N THR B 186 -24.47 7.42 2.90
CA THR B 186 -25.32 7.08 1.77
C THR B 186 -25.38 8.32 0.88
N LEU B 187 -25.00 8.16 -0.40
CA LEU B 187 -25.13 9.25 -1.38
C LEU B 187 -26.43 9.09 -2.14
N ILE B 188 -27.18 10.18 -2.29
CA ILE B 188 -28.50 10.12 -2.92
C ILE B 188 -28.68 11.10 -4.07
N ASP B 189 -29.58 10.74 -4.99
CA ASP B 189 -30.00 11.64 -6.06
C ASP B 189 -31.53 11.67 -6.03
N ASP B 190 -32.11 12.87 -6.03
CA ASP B 190 -33.57 13.02 -5.96
C ASP B 190 -34.35 12.33 -7.09
N ASP B 191 -33.74 12.18 -8.26
CA ASP B 191 -34.41 11.51 -9.39
C ASP B 191 -34.11 10.00 -9.39
N ASN B 192 -33.17 9.62 -8.51
CA ASN B 192 -32.90 8.22 -8.19
C ASN B 192 -32.61 7.29 -9.39
N PRO B 193 -31.74 7.72 -10.37
CA PRO B 193 -31.40 6.80 -11.46
C PRO B 193 -30.62 5.56 -10.97
N PRO B 194 -30.84 4.38 -11.57
CA PRO B 194 -30.07 3.20 -11.15
C PRO B 194 -28.56 3.52 -11.22
N VAL B 195 -27.80 3.15 -10.18
CA VAL B 195 -26.34 3.34 -10.15
C VAL B 195 -25.70 2.04 -10.64
N SER B 196 -25.01 2.13 -11.77
CA SER B 196 -24.57 0.93 -12.49
C SER B 196 -23.09 0.60 -12.28
N PHE B 197 -22.36 1.54 -11.67
CA PHE B 197 -20.94 1.33 -11.38
C PHE B 197 -20.46 2.34 -10.36
N VAL B 198 -19.52 1.93 -9.50
CA VAL B 198 -18.81 2.87 -8.64
C VAL B 198 -17.42 2.35 -8.27
N LYS B 199 -16.50 3.28 -8.03
CA LYS B 199 -15.19 2.93 -7.53
C LYS B 199 -14.55 4.14 -6.86
N PHE B 200 -13.65 3.86 -5.92
CA PHE B 200 -12.81 4.91 -5.33
C PHE B 200 -11.78 5.45 -6.31
N SER B 201 -11.45 6.72 -6.13
CA SER B 201 -10.30 7.31 -6.83
C SER B 201 -8.99 6.71 -6.29
N PRO B 202 -7.90 6.73 -7.10
CA PRO B 202 -6.61 6.24 -6.66
C PRO B 202 -6.19 6.82 -5.31
N ASN B 203 -6.42 8.11 -5.08
CA ASN B 203 -6.07 8.70 -3.79
C ASN B 203 -7.09 8.45 -2.67
N GLY B 204 -8.18 7.73 -2.99
CA GLY B 204 -9.24 7.37 -2.03
C GLY B 204 -10.14 8.48 -1.49
N LYS B 205 -9.93 9.71 -1.94
CA LYS B 205 -10.72 10.87 -1.51
C LYS B 205 -12.10 10.99 -2.22
N TYR B 206 -12.19 10.46 -3.44
CA TYR B 206 -13.40 10.56 -4.23
C TYR B 206 -13.93 9.21 -4.61
N ILE B 207 -15.19 9.20 -5.03
CA ILE B 207 -15.76 8.07 -5.74
C ILE B 207 -16.26 8.54 -7.11
N LEU B 208 -16.19 7.62 -8.07
CA LEU B 208 -16.69 7.85 -9.41
C LEU B 208 -17.89 6.92 -9.58
N ALA B 209 -19.08 7.49 -9.81
CA ALA B 209 -20.31 6.67 -9.92
C ALA B 209 -20.95 6.86 -11.28
N ALA B 210 -21.29 5.75 -11.93
CA ALA B 210 -22.03 5.79 -13.20
C ALA B 210 -23.51 5.54 -12.93
N THR B 211 -24.39 6.32 -13.55
CA THR B 211 -25.83 6.10 -13.46
C THR B 211 -26.42 5.84 -14.85
N LEU B 212 -27.58 5.19 -14.92
CA LEU B 212 -28.17 4.78 -16.21
C LEU B 212 -28.96 5.90 -16.87
N ASP B 213 -28.39 7.09 -16.81
CA ASP B 213 -28.89 8.24 -17.52
C ASP B 213 -27.77 8.90 -18.32
N ASN B 214 -26.83 8.10 -18.82
CA ASN B 214 -25.73 8.59 -19.66
C ASN B 214 -24.81 9.59 -18.96
N THR B 215 -24.62 9.44 -17.66
CA THR B 215 -23.71 10.30 -16.88
C THR B 215 -22.82 9.53 -15.92
N LEU B 216 -21.62 10.08 -15.69
CA LEU B 216 -20.66 9.60 -14.70
C LEU B 216 -20.43 10.80 -13.80
N LYS B 217 -20.32 10.59 -12.49
CA LYS B 217 -20.13 11.70 -11.57
C LYS B 217 -19.03 11.42 -10.57
N LEU B 218 -18.23 12.46 -10.29
CA LEU B 218 -17.17 12.40 -9.32
C LEU B 218 -17.65 13.08 -8.06
N TRP B 219 -17.65 12.33 -6.97
CA TRP B 219 -18.15 12.83 -5.69
C TRP B 219 -17.06 12.90 -4.62
N ASP B 220 -17.08 13.98 -3.82
CA ASP B 220 -16.41 13.98 -2.52
C ASP B 220 -17.42 13.36 -1.55
N TYR B 221 -17.27 12.07 -1.26
CA TYR B 221 -18.29 11.36 -0.50
C TYR B 221 -18.38 11.79 0.97
N SER B 222 -17.26 12.24 1.54
CA SER B 222 -17.25 12.74 2.91
C SER B 222 -18.06 14.01 3.09
N LYS B 223 -18.03 14.87 2.08
CA LYS B 223 -18.80 16.10 2.09
C LYS B 223 -20.17 15.90 1.49
N GLY B 224 -20.38 14.76 0.82
CA GLY B 224 -21.62 14.51 0.09
C GLY B 224 -21.77 15.51 -1.05
N LYS B 225 -20.65 15.84 -1.69
CA LYS B 225 -20.65 16.87 -2.76
C LYS B 225 -20.27 16.31 -4.12
N CYS B 226 -21.12 16.48 -5.13
CA CYS B 226 -20.74 16.13 -6.51
C CYS B 226 -19.88 17.24 -7.12
N LEU B 227 -18.68 16.87 -7.57
CA LEU B 227 -17.69 17.81 -8.07
C LEU B 227 -17.62 17.92 -9.59
N LYS B 228 -17.79 16.79 -10.28
CA LYS B 228 -17.71 16.78 -11.74
C LYS B 228 -18.75 15.82 -12.31
N THR B 229 -19.31 16.19 -13.47
CA THR B 229 -20.17 15.27 -14.19
C THR B 229 -19.61 15.12 -15.61
N TYR B 230 -19.43 13.88 -16.05
CA TYR B 230 -18.93 13.59 -17.40
C TYR B 230 -20.09 13.10 -18.25
N THR B 231 -20.30 13.72 -19.41
CA THR B 231 -21.43 13.34 -20.26
C THR B 231 -21.00 13.14 -21.73
N GLY B 232 -21.95 12.69 -22.56
CA GLY B 232 -21.71 12.58 -24.00
C GLY B 232 -21.60 11.15 -24.51
N HIS B 233 -21.39 10.18 -23.61
CA HIS B 233 -21.34 8.78 -23.99
C HIS B 233 -22.75 8.20 -23.83
N LYS B 234 -22.92 6.93 -24.16
CA LYS B 234 -24.22 6.28 -24.03
C LYS B 234 -24.14 5.22 -22.96
N ASN B 235 -24.97 5.37 -21.92
CA ASN B 235 -25.02 4.39 -20.83
C ASN B 235 -26.38 4.50 -20.15
N GLU B 236 -27.32 3.69 -20.62
CA GLU B 236 -28.70 3.68 -20.15
C GLU B 236 -29.16 2.25 -19.85
N LYS B 237 -28.34 1.29 -20.24
CA LYS B 237 -28.77 -0.11 -20.27
C LYS B 237 -27.91 -1.11 -19.49
N TYR B 238 -26.57 -0.95 -19.52
CA TYR B 238 -25.64 -1.96 -18.98
C TYR B 238 -24.78 -1.41 -17.85
N CYS B 239 -24.29 -2.29 -16.99
CA CYS B 239 -23.30 -1.92 -15.98
C CYS B 239 -21.86 -1.88 -16.56
N ILE B 240 -21.46 -0.69 -16.99
CA ILE B 240 -20.22 -0.47 -17.74
C ILE B 240 -19.16 0.05 -16.76
N PHE B 241 -17.95 -0.52 -16.84
CA PHE B 241 -16.86 -0.15 -15.92
C PHE B 241 -16.28 1.18 -16.33
N ALA B 242 -15.87 1.99 -15.36
CA ALA B 242 -15.18 3.23 -15.67
C ALA B 242 -13.90 3.28 -14.83
N ASN B 243 -13.02 4.21 -15.19
CA ASN B 243 -11.68 4.21 -14.63
C ASN B 243 -11.08 5.58 -14.48
N PHE B 244 -10.16 5.69 -13.54
CA PHE B 244 -9.25 6.81 -13.49
C PHE B 244 -7.96 6.38 -14.24
N SER B 245 -7.51 7.22 -15.14
CA SER B 245 -6.23 7.00 -15.83
C SER B 245 -5.22 8.01 -15.29
N VAL B 246 -4.13 7.51 -14.70
CA VAL B 246 -3.20 8.39 -13.95
C VAL B 246 -1.72 8.24 -14.32
N THR B 247 -1.43 7.41 -15.32
CA THR B 247 -0.06 7.15 -15.72
C THR B 247 0.53 8.29 -16.55
N GLY B 248 -0.33 9.00 -17.27
CA GLY B 248 0.11 10.12 -18.10
C GLY B 248 -0.73 11.32 -17.72
N GLY B 249 -1.53 11.82 -18.65
CA GLY B 249 -2.49 12.87 -18.31
C GLY B 249 -3.55 12.30 -17.36
N LYS B 250 -4.28 13.17 -16.65
CA LYS B 250 -5.29 12.71 -15.71
C LYS B 250 -6.65 12.62 -16.41
N TRP B 251 -7.05 11.41 -16.74
CA TRP B 251 -8.28 11.20 -17.50
C TRP B 251 -9.30 10.35 -16.75
N ILE B 252 -10.53 10.44 -17.21
CA ILE B 252 -11.60 9.48 -16.90
C ILE B 252 -11.82 8.65 -18.15
N VAL B 253 -11.89 7.33 -18.00
CA VAL B 253 -12.05 6.40 -19.13
C VAL B 253 -13.30 5.54 -18.88
N SER B 254 -14.16 5.41 -19.89
CA SER B 254 -15.32 4.54 -19.78
C SER B 254 -15.68 3.92 -21.12
N GLY B 255 -16.34 2.76 -21.04
CA GLY B 255 -16.99 2.19 -22.21
C GLY B 255 -18.29 2.92 -22.48
N SER B 256 -19.00 2.48 -23.52
CA SER B 256 -20.18 3.19 -23.98
C SER B 256 -20.99 2.28 -24.88
N GLU B 257 -22.28 2.56 -24.92
CA GLU B 257 -23.23 1.73 -25.64
C GLU B 257 -23.31 2.09 -27.12
N ASP B 258 -22.56 3.11 -27.54
CA ASP B 258 -22.38 3.38 -28.98
C ASP B 258 -21.09 2.75 -29.53
N ASN B 259 -20.55 1.77 -28.80
CA ASN B 259 -19.41 0.96 -29.24
C ASN B 259 -18.06 1.67 -29.18
N LEU B 260 -18.00 2.84 -28.53
CA LEU B 260 -16.74 3.57 -28.38
C LEU B 260 -16.21 3.57 -26.96
N VAL B 261 -14.90 3.75 -26.82
CA VAL B 261 -14.29 4.06 -25.53
C VAL B 261 -14.23 5.58 -25.44
N TYR B 262 -14.77 6.17 -24.36
CA TYR B 262 -14.66 7.62 -24.11
C TYR B 262 -13.55 7.98 -23.13
N ILE B 263 -12.78 9.03 -23.45
CA ILE B 263 -11.77 9.54 -22.53
C ILE B 263 -12.05 11.02 -22.29
N TRP B 264 -12.21 11.41 -21.02
CA TRP B 264 -12.44 12.81 -20.65
C TRP B 264 -11.25 13.37 -19.87
N ASN B 265 -11.02 14.67 -20.00
CA ASN B 265 -10.16 15.38 -19.08
C ASN B 265 -10.83 15.42 -17.69
N LEU B 266 -10.14 14.90 -16.66
CA LEU B 266 -10.72 14.78 -15.31
C LEU B 266 -11.19 16.12 -14.75
N GLN B 267 -10.41 17.16 -14.98
CA GLN B 267 -10.69 18.47 -14.42
C GLN B 267 -11.72 19.24 -15.22
N THR B 268 -11.52 19.28 -16.54
CA THR B 268 -12.35 20.12 -17.39
C THR B 268 -13.65 19.46 -17.80
N LYS B 269 -13.69 18.13 -17.77
CA LYS B 269 -14.83 17.34 -18.25
C LYS B 269 -14.97 17.29 -19.78
N GLU B 270 -13.98 17.83 -20.50
CA GLU B 270 -14.04 17.82 -21.96
C GLU B 270 -13.69 16.42 -22.46
N ILE B 271 -14.42 15.91 -23.45
CA ILE B 271 -14.02 14.66 -24.10
C ILE B 271 -12.72 14.95 -24.87
N VAL B 272 -11.69 14.13 -24.65
CA VAL B 272 -10.38 14.34 -25.30
C VAL B 272 -10.07 13.29 -26.35
N GLN B 273 -10.68 12.12 -26.23
CA GLN B 273 -10.56 11.09 -27.26
C GLN B 273 -11.74 10.12 -27.24
N LYS B 274 -12.13 9.63 -28.41
CA LYS B 274 -13.06 8.51 -28.48
C LYS B 274 -12.39 7.43 -29.30
N LEU B 275 -12.35 6.21 -28.79
CA LEU B 275 -11.63 5.12 -29.43
C LEU B 275 -12.59 4.24 -30.20
N GLN B 276 -12.39 4.22 -31.52
CA GLN B 276 -13.29 3.52 -32.41
C GLN B 276 -12.69 2.17 -32.89
N GLY B 277 -13.54 1.14 -32.96
CA GLY B 277 -13.11 -0.15 -33.49
C GLY B 277 -14.02 -1.30 -33.08
N HIS B 278 -14.53 -1.24 -31.87
CA HIS B 278 -15.46 -2.28 -31.42
C HIS B 278 -16.75 -2.27 -32.22
N THR B 279 -17.40 -3.41 -32.30
CA THR B 279 -18.63 -3.54 -33.06
C THR B 279 -19.83 -3.88 -32.17
N ASP B 280 -19.68 -3.65 -30.86
CA ASP B 280 -20.81 -3.75 -29.93
C ASP B 280 -20.47 -2.89 -28.70
N VAL B 281 -21.42 -2.81 -27.78
CA VAL B 281 -21.24 -2.12 -26.50
C VAL B 281 -19.90 -2.43 -25.86
N VAL B 282 -19.18 -1.39 -25.47
CA VAL B 282 -17.91 -1.55 -24.74
C VAL B 282 -18.31 -1.61 -23.26
N ILE B 283 -18.35 -2.83 -22.74
CA ILE B 283 -18.89 -3.08 -21.41
C ILE B 283 -17.83 -2.83 -20.34
N SER B 284 -16.55 -2.93 -20.72
CA SER B 284 -15.46 -2.90 -19.73
C SER B 284 -14.23 -2.22 -20.30
N THR B 285 -13.61 -1.38 -19.48
CA THR B 285 -12.29 -0.82 -19.80
C THR B 285 -11.46 -0.95 -18.55
N ALA B 286 -10.13 -0.95 -18.71
CA ALA B 286 -9.22 -1.00 -17.57
C ALA B 286 -7.98 -0.26 -17.97
N CYS B 287 -7.33 0.35 -16.99
CA CYS B 287 -6.15 1.15 -17.25
C CYS B 287 -4.92 0.47 -16.65
N HIS B 288 -3.85 0.40 -17.44
CA HIS B 288 -2.62 -0.25 -17.00
C HIS B 288 -1.98 0.48 -15.80
N PRO B 289 -1.46 -0.27 -14.83
CA PRO B 289 -0.90 0.37 -13.64
C PRO B 289 0.30 1.28 -13.84
N THR B 290 1.10 1.05 -14.88
CA THR B 290 2.35 1.85 -15.08
C THR B 290 2.53 2.45 -16.47
N GLU B 291 1.92 1.84 -17.49
CA GLU B 291 2.04 2.31 -18.88
C GLU B 291 0.73 2.94 -19.33
N ASN B 292 0.80 3.81 -20.34
CA ASN B 292 -0.39 4.44 -20.89
C ASN B 292 -1.05 3.44 -21.84
N ILE B 293 -1.68 2.43 -21.24
CA ILE B 293 -2.31 1.34 -21.99
C ILE B 293 -3.75 1.16 -21.43
N ILE B 294 -4.71 1.10 -22.34
CA ILE B 294 -6.10 0.80 -22.03
C ILE B 294 -6.45 -0.52 -22.67
N ALA B 295 -7.17 -1.35 -21.90
CA ALA B 295 -7.82 -2.52 -22.43
C ALA B 295 -9.32 -2.27 -22.47
N SER B 296 -9.96 -2.69 -23.55
CA SER B 296 -11.44 -2.57 -23.68
C SER B 296 -12.07 -3.88 -24.12
N ALA B 297 -13.32 -4.15 -23.73
CA ALA B 297 -13.96 -5.39 -24.14
C ALA B 297 -15.43 -5.14 -24.47
N ALA B 298 -15.98 -5.95 -25.39
CA ALA B 298 -17.31 -5.66 -25.92
C ALA B 298 -18.28 -6.85 -25.88
N LEU B 299 -19.55 -6.56 -26.13
CA LEU B 299 -20.61 -7.54 -26.00
C LEU B 299 -20.73 -8.50 -27.21
N GLU B 300 -21.84 -9.24 -27.28
CA GLU B 300 -21.97 -10.45 -28.13
C GLU B 300 -21.71 -10.31 -29.65
N ASN B 301 -21.96 -9.15 -30.24
CA ASN B 301 -21.73 -8.96 -31.69
C ASN B 301 -20.23 -8.81 -31.98
N ASP B 302 -19.42 -8.70 -30.92
CA ASP B 302 -17.99 -8.40 -31.01
C ASP B 302 -17.18 -9.51 -30.33
N LYS B 303 -17.33 -9.63 -29.01
CA LYS B 303 -16.65 -10.66 -28.17
C LYS B 303 -15.12 -10.51 -28.11
N THR B 304 -14.59 -9.36 -28.53
CA THR B 304 -13.14 -9.16 -28.44
C THR B 304 -12.72 -8.14 -27.39
N ILE B 305 -11.44 -8.15 -27.10
CA ILE B 305 -10.77 -7.25 -26.19
C ILE B 305 -9.75 -6.54 -27.03
N LYS B 306 -9.63 -5.23 -26.84
CA LYS B 306 -8.64 -4.48 -27.59
C LYS B 306 -7.67 -3.80 -26.62
N LEU B 307 -6.42 -3.73 -27.06
CA LEU B 307 -5.36 -3.08 -26.30
C LEU B 307 -4.92 -1.85 -27.08
N TRP B 308 -4.93 -0.69 -26.40
CA TRP B 308 -4.68 0.62 -26.98
C TRP B 308 -3.50 1.26 -26.25
N LYS B 309 -2.63 1.93 -26.99
CA LYS B 309 -1.43 2.52 -26.38
C LYS B 309 -1.27 4.00 -26.74
N SER B 310 -0.94 4.83 -25.75
CA SER B 310 -0.80 6.26 -25.93
C SER B 310 0.59 6.70 -25.45
N ASP B 311 1.06 7.82 -25.99
CA ASP B 311 2.30 8.44 -25.55
C ASP B 311 2.12 9.20 -24.23
N CYS B 312 0.88 9.61 -23.93
CA CYS B 312 0.59 10.31 -22.69
C CYS B 312 -0.80 10.04 -22.17
N ALA C 1 25.76 8.76 6.06
CA ALA C 1 26.74 8.16 6.99
C ALA C 1 26.36 6.73 7.38
N ARG C 2 25.06 6.45 7.48
CA ARG C 2 24.63 5.13 7.94
C ARG C 2 25.13 3.99 7.04
N THR C 3 25.35 4.28 5.76
CA THR C 3 25.69 3.20 4.81
C THR C 3 27.20 2.89 4.73
N GLN C 5 30.90 2.34 7.39
CA GLN C 5 31.24 1.95 8.76
C GLN C 5 31.96 3.11 9.40
N THR C 6 31.42 3.60 10.51
CA THR C 6 31.95 4.79 11.18
C THR C 6 32.29 4.55 12.66
N ALA C 7 32.12 3.31 13.10
CA ALA C 7 32.31 3.00 14.51
C ALA C 7 33.72 2.48 14.74
N ALA D 1 -24.71 -12.17 -15.90
CA ALA D 1 -25.83 -11.20 -16.02
C ALA D 1 -25.37 -9.87 -16.61
N ARG D 2 -24.08 -9.56 -16.46
CA ARG D 2 -23.60 -8.24 -16.89
C ARG D 2 -23.81 -8.01 -18.39
N THR D 3 -23.79 -9.08 -19.18
CA THR D 3 -23.85 -8.95 -20.64
C THR D 3 -25.27 -8.83 -21.22
N GLN D 5 -29.27 -6.87 -20.63
CA GLN D 5 -29.94 -5.73 -20.00
C GLN D 5 -30.86 -6.19 -18.89
N THR D 6 -30.52 -5.82 -17.66
CA THR D 6 -31.31 -6.24 -16.49
C THR D 6 -31.93 -5.06 -15.74
N ALA D 7 -31.68 -3.84 -16.22
CA ALA D 7 -32.27 -2.65 -15.64
C ALA D 7 -33.65 -2.38 -16.23
#